data_1TDB
#
_entry.id   1TDB
#
_cell.length_a   78.800
_cell.length_b   78.800
_cell.length_c   243.200
_cell.angle_alpha   90.00
_cell.angle_beta   90.00
_cell.angle_gamma   120.00
#
_symmetry.space_group_name_H-M   'P 61 2 2'
#
loop_
_entity.id
_entity.type
_entity.pdbx_description
1 polymer 'THYMIDYLATE SYNTHASE'
2 non-polymer "5-FLUORO-2'-DEOXYURIDINE-5'-MONOPHOSPHATE"
3 water water
#
_entity_poly.entity_id   1
_entity_poly.type   'polypeptide(L)'
_entity_poly.pdbx_seq_one_letter_code
;MLEQPYLDLAKKVLDEGHFKPDRTHTGTYSIFGHQMRFDLSKGFPLLTTKKVPFGLIKSELLWFLHGDTNIRFLLQHRNH
IWDEWAFEKWVKSDEYHGPDMTDFGHRSQKDPEFAAVYHEEMAKFDDRVLHDDAFAAKYGDLGLVYGSQWRAWHTSKGDT
IDQLGDVIEQIKTHPYSRRLIVSAWNPEDVPTMALPPCHTLYQFYVNDGKLSLQLYQRSADIFLGVPFNIASYALLTHLV
AHECGLEVGEFIHTFGDAHLYVNHLDQIKEQLSRTPRPAPTLQLNPDKHDIFDFDMKDIKLLNYDPYPAIKAPVA
;
_entity_poly.pdbx_strand_id   A
#
loop_
_chem_comp.id
_chem_comp.type
_chem_comp.name
_chem_comp.formula
UFP DNA linking 5-FLUORO-2'-DEOXYURIDINE-5'-MONOPHOSPHATE 'C9 H12 F N2 O8 P'
#
# COMPACT_ATOMS: atom_id res chain seq x y z
N MET A 1 -10.85 -19.73 9.43
CA MET A 1 -9.90 -19.35 10.42
C MET A 1 -9.62 -17.79 10.65
N LEU A 2 -8.37 -17.26 10.81
CA LEU A 2 -8.07 -15.81 11.03
C LEU A 2 -8.22 -14.84 9.80
N GLU A 3 -7.80 -15.35 8.58
CA GLU A 3 -7.82 -14.43 7.46
C GLU A 3 -9.21 -14.43 6.89
N GLN A 4 -10.18 -15.12 7.54
CA GLN A 4 -11.52 -15.35 7.03
C GLN A 4 -12.29 -14.13 6.62
N PRO A 5 -12.19 -12.97 7.28
CA PRO A 5 -12.69 -11.70 6.81
C PRO A 5 -12.38 -11.43 5.35
N TYR A 6 -11.11 -11.52 5.04
CA TYR A 6 -10.68 -11.16 3.69
C TYR A 6 -11.39 -12.09 2.80
N LEU A 7 -11.20 -13.38 3.05
CA LEU A 7 -11.79 -14.33 2.18
C LEU A 7 -13.31 -14.34 1.97
N ASP A 8 -14.13 -13.69 2.78
CA ASP A 8 -15.54 -13.58 2.60
C ASP A 8 -15.95 -12.51 1.63
N LEU A 9 -15.09 -11.52 1.59
CA LEU A 9 -15.38 -10.29 0.86
C LEU A 9 -15.15 -10.47 -0.65
N ALA A 10 -14.77 -11.69 -1.08
CA ALA A 10 -14.76 -12.00 -2.52
C ALA A 10 -16.02 -12.80 -2.74
N LYS A 11 -16.44 -13.58 -1.72
CA LYS A 11 -17.73 -14.20 -1.79
C LYS A 11 -18.78 -13.09 -1.95
N LYS A 12 -19.10 -12.16 -1.02
CA LYS A 12 -20.12 -11.14 -1.26
C LYS A 12 -20.05 -10.38 -2.61
N VAL A 13 -18.85 -10.13 -3.18
CA VAL A 13 -18.71 -9.34 -4.40
C VAL A 13 -19.20 -10.17 -5.57
N LEU A 14 -18.94 -11.48 -5.56
CA LEU A 14 -19.53 -12.37 -6.52
C LEU A 14 -21.06 -12.24 -6.34
N ASP A 15 -21.54 -12.62 -5.11
CA ASP A 15 -22.98 -12.57 -4.85
C ASP A 15 -23.75 -11.29 -4.64
N GLU A 16 -23.11 -10.17 -4.87
CA GLU A 16 -23.71 -8.87 -4.78
C GLU A 16 -23.38 -7.92 -5.90
N GLY A 17 -22.40 -8.45 -6.66
CA GLY A 17 -21.79 -7.83 -7.82
C GLY A 17 -22.67 -6.88 -8.58
N HIS A 18 -22.15 -5.70 -8.40
CA HIS A 18 -22.78 -4.72 -9.23
C HIS A 18 -21.79 -4.71 -10.41
N PHE A 19 -22.21 -4.86 -11.69
CA PHE A 19 -21.17 -4.89 -12.70
C PHE A 19 -21.03 -3.49 -13.19
N LYS A 20 -19.96 -2.79 -12.87
CA LYS A 20 -19.69 -1.41 -13.32
C LYS A 20 -18.90 -1.32 -14.66
N PRO A 21 -19.32 -0.65 -15.72
CA PRO A 21 -18.40 -0.38 -16.85
C PRO A 21 -17.67 0.90 -16.38
N ASP A 22 -16.42 0.82 -15.99
CA ASP A 22 -15.72 2.00 -15.50
C ASP A 22 -14.45 2.08 -16.40
N ARG A 23 -13.21 1.79 -15.88
CA ARG A 23 -11.85 1.58 -16.48
C ARG A 23 -11.63 2.17 -17.86
N THR A 24 -11.45 1.36 -18.90
CA THR A 24 -11.55 1.92 -20.23
C THR A 24 -12.88 1.11 -20.60
N HIS A 25 -13.80 1.03 -19.61
CA HIS A 25 -14.94 0.15 -19.30
C HIS A 25 -14.21 -1.08 -18.80
N THR A 26 -13.63 -2.01 -19.60
CA THR A 26 -12.85 -3.20 -19.22
C THR A 26 -13.61 -4.21 -18.33
N GLY A 27 -14.24 -3.85 -17.21
CA GLY A 27 -15.17 -4.70 -16.49
C GLY A 27 -14.74 -4.79 -15.01
N THR A 28 -15.74 -4.63 -14.12
CA THR A 28 -15.64 -4.76 -12.69
C THR A 28 -16.95 -5.17 -12.06
N TYR A 29 -16.77 -5.84 -10.91
CA TYR A 29 -17.88 -6.13 -9.97
C TYR A 29 -17.53 -5.36 -8.74
N SER A 30 -18.43 -4.50 -8.33
CA SER A 30 -18.23 -3.81 -7.07
C SER A 30 -19.25 -4.10 -5.97
N ILE A 31 -19.07 -3.36 -4.85
CA ILE A 31 -20.02 -3.23 -3.77
C ILE A 31 -19.77 -1.80 -3.26
N PHE A 32 -20.42 -1.30 -2.19
CA PHE A 32 -20.22 0.08 -1.73
C PHE A 32 -20.41 0.20 -0.20
N GLY A 33 -19.28 0.34 0.42
CA GLY A 33 -19.24 0.25 1.86
C GLY A 33 -19.00 -1.18 2.30
N HIS A 34 -18.11 -1.50 3.22
CA HIS A 34 -17.83 -2.86 3.71
C HIS A 34 -16.96 -2.60 4.95
N GLN A 35 -17.11 -3.17 6.12
CA GLN A 35 -16.07 -3.10 7.11
C GLN A 35 -15.73 -4.56 7.27
N MET A 36 -14.59 -4.86 7.89
CA MET A 36 -14.04 -6.23 8.05
C MET A 36 -12.82 -6.04 8.96
N ARG A 37 -13.00 -6.66 10.15
CA ARG A 37 -12.02 -6.41 11.20
C ARG A 37 -10.98 -7.48 11.49
N PHE A 38 -9.91 -7.33 12.24
CA PHE A 38 -8.84 -8.31 12.28
C PHE A 38 -8.23 -8.22 13.65
N ASP A 39 -8.05 -9.41 14.20
CA ASP A 39 -7.51 -9.42 15.53
C ASP A 39 -6.02 -9.55 15.52
N LEU A 40 -5.32 -8.44 15.73
CA LEU A 40 -3.89 -8.52 15.56
C LEU A 40 -3.08 -9.27 16.61
N SER A 41 -3.80 -9.69 17.66
CA SER A 41 -3.30 -10.42 18.81
C SER A 41 -3.45 -11.94 18.60
N LYS A 42 -4.18 -12.28 17.52
CA LYS A 42 -4.45 -13.66 17.14
C LYS A 42 -3.30 -14.32 16.34
N GLY A 43 -2.73 -13.42 15.48
CA GLY A 43 -1.63 -13.65 14.54
C GLY A 43 -1.61 -12.53 13.47
N PHE A 44 -0.52 -12.45 12.73
CA PHE A 44 -0.39 -11.39 11.75
C PHE A 44 -1.03 -11.83 10.42
N PRO A 45 -2.02 -11.03 9.92
CA PRO A 45 -2.69 -11.23 8.64
C PRO A 45 -1.95 -11.29 7.31
N LEU A 46 -1.01 -12.23 7.23
CA LEU A 46 -0.49 -12.49 5.92
C LEU A 46 -1.24 -13.78 5.55
N LEU A 47 -1.64 -13.52 4.30
CA LEU A 47 -2.56 -14.34 3.53
C LEU A 47 -1.95 -15.65 3.31
N THR A 48 -2.61 -16.74 3.68
CA THR A 48 -1.98 -18.07 3.49
C THR A 48 -2.60 -18.89 2.37
N THR A 49 -3.70 -18.45 1.77
CA THR A 49 -4.20 -19.05 0.54
C THR A 49 -3.81 -18.19 -0.67
N LYS A 50 -2.57 -17.70 -0.70
CA LYS A 50 -1.88 -17.02 -1.79
C LYS A 50 -0.52 -16.63 -1.21
N LYS A 51 0.55 -16.19 -1.87
CA LYS A 51 1.88 -15.91 -1.30
C LYS A 51 2.09 -14.48 -1.66
N VAL A 52 2.21 -13.80 -0.54
CA VAL A 52 2.23 -12.35 -0.65
C VAL A 52 3.59 -12.00 -0.11
N PRO A 53 4.39 -11.30 -0.96
CA PRO A 53 5.82 -11.11 -0.72
C PRO A 53 6.07 -10.09 0.41
N PHE A 54 6.23 -10.50 1.69
CA PHE A 54 6.38 -9.54 2.80
C PHE A 54 7.45 -8.46 2.68
N GLY A 55 8.54 -8.78 1.97
CA GLY A 55 9.60 -7.87 1.65
C GLY A 55 9.04 -6.55 1.03
N LEU A 56 8.35 -6.62 -0.14
CA LEU A 56 7.97 -5.40 -0.90
C LEU A 56 7.00 -4.53 -0.14
N ILE A 57 6.26 -5.13 0.82
CA ILE A 57 5.30 -4.47 1.72
C ILE A 57 6.11 -3.59 2.70
N LYS A 58 7.04 -4.14 3.47
CA LYS A 58 7.77 -3.33 4.43
C LYS A 58 8.76 -2.36 3.82
N SER A 59 9.26 -2.75 2.64
CA SER A 59 10.18 -1.98 1.78
C SER A 59 9.33 -0.78 1.44
N GLU A 60 8.08 -0.90 1.05
CA GLU A 60 7.17 0.25 0.94
C GLU A 60 6.71 0.98 2.26
N LEU A 61 6.66 0.46 3.49
CA LEU A 61 6.19 1.25 4.64
C LEU A 61 7.38 2.01 5.12
N LEU A 62 8.55 1.40 4.97
CA LEU A 62 9.74 1.98 5.50
C LEU A 62 10.02 3.06 4.47
N TRP A 63 9.60 2.97 3.18
CA TRP A 63 9.57 4.19 2.36
C TRP A 63 8.70 5.25 3.10
N PHE A 64 7.49 4.84 3.58
CA PHE A 64 6.47 5.70 4.23
C PHE A 64 6.86 6.27 5.63
N LEU A 65 7.40 5.58 6.67
CA LEU A 65 7.80 6.29 7.89
C LEU A 65 9.10 7.07 7.63
N HIS A 66 9.80 6.84 6.53
CA HIS A 66 11.03 7.64 6.37
C HIS A 66 10.67 8.99 5.83
N GLY A 67 9.36 9.17 5.54
CA GLY A 67 8.88 10.43 5.06
C GLY A 67 9.29 10.63 3.60
N ASP A 68 9.59 9.45 3.03
CA ASP A 68 10.35 9.50 1.83
C ASP A 68 9.45 9.56 0.62
N THR A 69 9.97 10.34 -0.34
CA THR A 69 9.35 10.61 -1.66
C THR A 69 9.99 9.91 -2.84
N ASN A 70 11.07 9.16 -2.62
CA ASN A 70 11.96 8.91 -3.75
C ASN A 70 12.08 7.51 -4.26
N ILE A 71 11.83 7.43 -5.57
CA ILE A 71 11.88 6.16 -6.23
C ILE A 71 13.24 5.52 -5.98
N ARG A 72 14.36 6.26 -6.03
CA ARG A 72 15.68 5.75 -5.73
C ARG A 72 15.70 4.89 -4.46
N PHE A 73 15.11 5.15 -3.27
CA PHE A 73 15.26 4.37 -2.01
C PHE A 73 14.53 3.11 -2.14
N LEU A 74 13.40 3.08 -2.87
CA LEU A 74 12.69 1.82 -3.08
C LEU A 74 13.49 1.00 -4.06
N LEU A 75 14.00 1.51 -5.19
CA LEU A 75 14.77 0.73 -6.16
C LEU A 75 15.96 0.00 -5.59
N GLN A 76 16.67 0.75 -4.76
CA GLN A 76 17.81 0.14 -4.15
C GLN A 76 17.39 -0.79 -3.00
N HIS A 77 16.09 -1.05 -2.89
CA HIS A 77 15.48 -2.12 -2.10
C HIS A 77 14.67 -3.19 -2.92
N ARG A 78 15.09 -3.33 -4.20
CA ARG A 78 14.38 -4.08 -5.23
C ARG A 78 12.91 -3.78 -5.39
N ASN A 79 12.44 -2.65 -4.92
CA ASN A 79 11.02 -2.32 -4.95
C ASN A 79 10.56 -1.60 -6.18
N HIS A 80 9.71 -2.32 -6.86
CA HIS A 80 9.26 -1.86 -8.13
C HIS A 80 7.81 -1.59 -8.13
N ILE A 81 7.29 -1.32 -6.92
CA ILE A 81 5.87 -0.96 -6.71
C ILE A 81 5.49 0.42 -7.29
N TRP A 82 6.44 1.33 -7.58
CA TRP A 82 6.03 2.67 -7.94
C TRP A 82 6.51 3.28 -9.28
N ASP A 83 7.42 2.53 -9.91
CA ASP A 83 8.11 2.97 -11.11
C ASP A 83 7.35 3.85 -12.12
N GLU A 84 6.47 3.28 -12.94
CA GLU A 84 5.60 3.98 -13.88
C GLU A 84 4.99 5.26 -13.39
N TRP A 85 4.86 5.69 -12.13
CA TRP A 85 4.35 7.04 -11.92
C TRP A 85 5.39 8.14 -12.16
N ALA A 86 6.62 7.72 -12.14
CA ALA A 86 7.79 8.52 -12.37
C ALA A 86 8.34 8.06 -13.74
N PHE A 87 7.98 6.84 -14.24
CA PHE A 87 8.26 6.64 -15.62
C PHE A 87 7.17 7.39 -16.40
N GLU A 88 5.98 7.83 -15.85
CA GLU A 88 5.05 8.72 -16.55
C GLU A 88 5.79 10.04 -16.79
N LYS A 89 6.84 10.40 -16.06
CA LYS A 89 7.50 11.62 -16.50
C LYS A 89 8.79 11.28 -17.19
N TRP A 90 9.00 10.01 -17.52
CA TRP A 90 10.01 9.90 -18.52
C TRP A 90 9.33 10.28 -19.85
N VAL A 91 8.10 9.81 -20.14
CA VAL A 91 7.34 10.15 -21.37
C VAL A 91 6.79 11.47 -20.91
N LYS A 92 7.63 12.44 -21.15
CA LYS A 92 7.46 13.78 -20.68
C LYS A 92 8.80 14.31 -21.12
N SER A 93 8.94 15.63 -21.04
CA SER A 93 10.10 16.21 -21.72
C SER A 93 11.62 15.89 -21.43
N ASP A 94 12.25 16.19 -22.55
CA ASP A 94 13.67 16.17 -22.78
C ASP A 94 14.72 15.59 -21.84
N GLU A 95 15.13 14.56 -22.63
CA GLU A 95 16.17 13.53 -22.56
C GLU A 95 15.52 12.30 -23.25
N TYR A 96 14.19 12.36 -23.17
CA TYR A 96 13.28 11.43 -23.73
C TYR A 96 13.23 11.86 -25.13
N HIS A 97 14.07 11.21 -25.91
CA HIS A 97 14.01 11.42 -27.35
C HIS A 97 14.05 10.01 -28.03
N GLY A 98 12.85 9.62 -28.53
CA GLY A 98 12.71 8.52 -29.51
C GLY A 98 12.30 7.09 -29.12
N PRO A 99 12.00 6.71 -27.90
CA PRO A 99 10.94 5.71 -27.72
C PRO A 99 9.58 6.38 -27.53
N ASP A 100 8.48 5.61 -27.43
CA ASP A 100 7.14 6.18 -27.15
C ASP A 100 6.64 6.08 -25.67
N MET A 101 6.11 4.93 -25.30
CA MET A 101 5.53 4.67 -23.99
C MET A 101 4.39 5.56 -23.71
N THR A 102 3.56 5.58 -24.75
CA THR A 102 2.39 6.46 -24.64
C THR A 102 1.12 5.58 -24.33
N ASP A 103 0.98 5.90 -23.03
CA ASP A 103 0.11 5.35 -22.03
C ASP A 103 0.01 3.84 -22.08
N PHE A 104 1.30 3.50 -22.10
CA PHE A 104 2.03 2.22 -22.15
C PHE A 104 1.58 1.02 -21.37
N GLY A 105 0.83 1.24 -20.25
CA GLY A 105 0.30 0.16 -19.41
C GLY A 105 -0.51 -0.77 -20.29
N HIS A 106 -1.23 -0.02 -21.16
CA HIS A 106 -2.14 -0.60 -22.11
C HIS A 106 -1.51 -1.45 -23.21
N ARG A 107 -0.58 -0.87 -23.94
CA ARG A 107 -0.07 -1.56 -25.10
C ARG A 107 0.97 -2.59 -24.68
N SER A 108 1.31 -2.71 -23.38
CA SER A 108 2.30 -3.71 -22.97
C SER A 108 1.64 -5.05 -22.63
N GLN A 109 0.44 -4.78 -22.10
CA GLN A 109 -0.51 -5.80 -21.79
C GLN A 109 -0.93 -6.21 -23.23
N LYS A 110 -1.37 -5.32 -24.17
CA LYS A 110 -1.71 -5.81 -25.50
C LYS A 110 -0.52 -5.85 -26.50
N ASP A 111 0.60 -6.32 -25.99
CA ASP A 111 1.87 -6.33 -26.73
C ASP A 111 2.28 -7.77 -27.10
N PRO A 112 3.41 -7.90 -27.91
CA PRO A 112 4.62 -8.70 -27.63
C PRO A 112 5.91 -7.91 -27.33
N GLU A 113 6.71 -7.37 -28.26
CA GLU A 113 7.98 -6.66 -27.99
C GLU A 113 7.69 -5.17 -27.56
N PHE A 114 6.51 -4.45 -27.79
CA PHE A 114 6.28 -3.19 -27.06
C PHE A 114 6.56 -3.27 -25.53
N ALA A 115 5.84 -4.09 -24.76
CA ALA A 115 6.19 -4.31 -23.39
C ALA A 115 7.66 -4.51 -23.24
N ALA A 116 8.30 -5.23 -24.16
CA ALA A 116 9.71 -5.37 -24.03
C ALA A 116 10.36 -4.04 -24.47
N VAL A 117 9.98 -3.12 -25.38
CA VAL A 117 10.90 -1.99 -25.63
C VAL A 117 10.73 -0.98 -24.51
N TYR A 118 9.49 -0.96 -23.94
CA TYR A 118 9.16 -0.23 -22.72
C TYR A 118 10.01 -0.91 -21.68
N HIS A 119 9.98 -2.23 -21.43
CA HIS A 119 10.83 -2.86 -20.40
C HIS A 119 12.33 -2.56 -20.50
N GLU A 120 12.86 -2.17 -21.64
CA GLU A 120 14.25 -1.77 -21.79
C GLU A 120 14.52 -0.22 -21.72
N GLU A 121 13.62 0.76 -22.06
CA GLU A 121 13.95 2.17 -21.77
C GLU A 121 13.58 2.42 -20.29
N MET A 122 12.61 1.63 -19.79
CA MET A 122 12.20 1.84 -18.44
C MET A 122 13.31 1.44 -17.59
N ALA A 123 13.85 0.26 -17.88
CA ALA A 123 15.05 -0.17 -17.19
C ALA A 123 16.14 0.84 -17.34
N LYS A 124 16.42 1.50 -18.47
CA LYS A 124 17.56 2.45 -18.60
C LYS A 124 17.58 3.51 -17.50
N PHE A 125 16.31 3.97 -17.34
CA PHE A 125 15.83 5.01 -16.43
C PHE A 125 16.06 4.59 -14.98
N ASP A 126 15.61 3.37 -14.64
CA ASP A 126 15.76 2.86 -13.28
C ASP A 126 17.18 2.83 -12.85
N ASP A 127 18.14 2.75 -13.76
CA ASP A 127 19.45 2.56 -13.25
C ASP A 127 20.20 3.83 -13.28
N ARG A 128 19.68 4.84 -14.01
CA ARG A 128 19.98 6.30 -13.81
C ARG A 128 19.66 6.85 -12.37
N VAL A 129 18.41 6.57 -11.94
CA VAL A 129 17.78 6.79 -10.68
C VAL A 129 18.75 6.27 -9.64
N LEU A 130 19.37 5.13 -9.96
CA LEU A 130 20.43 4.53 -9.13
C LEU A 130 21.81 5.18 -9.05
N HIS A 131 22.18 5.91 -10.08
CA HIS A 131 23.57 6.32 -10.20
C HIS A 131 23.78 7.85 -10.43
N ASP A 132 22.88 8.64 -11.02
CA ASP A 132 23.23 10.08 -11.03
C ASP A 132 22.32 11.08 -10.25
N ASP A 133 22.98 11.41 -9.11
CA ASP A 133 22.48 12.24 -7.99
C ASP A 133 21.74 13.60 -8.24
N ALA A 134 21.32 13.87 -9.49
CA ALA A 134 20.68 15.05 -10.00
C ALA A 134 19.50 14.69 -10.96
N PHE A 135 19.56 13.74 -11.97
CA PHE A 135 18.50 13.24 -12.85
C PHE A 135 17.55 12.52 -11.97
N ALA A 136 18.23 11.75 -11.06
CA ALA A 136 17.53 10.99 -10.03
C ALA A 136 16.65 11.98 -9.22
N ALA A 137 17.28 13.02 -8.68
CA ALA A 137 16.65 14.08 -7.89
C ALA A 137 15.45 14.74 -8.56
N LYS A 138 15.48 14.67 -9.87
CA LYS A 138 14.51 15.26 -10.76
C LYS A 138 13.30 14.34 -10.97
N TYR A 139 13.53 13.09 -11.40
CA TYR A 139 12.35 12.35 -11.90
C TYR A 139 11.62 11.45 -10.94
N GLY A 140 12.45 11.39 -9.89
CA GLY A 140 12.33 10.51 -8.78
C GLY A 140 11.61 11.12 -7.63
N ASP A 141 11.55 12.45 -7.44
CA ASP A 141 10.83 13.00 -6.31
C ASP A 141 9.39 12.92 -6.81
N LEU A 142 8.51 12.11 -6.20
CA LEU A 142 7.17 12.05 -6.81
C LEU A 142 6.35 13.22 -6.18
N GLY A 143 6.72 13.71 -4.96
CA GLY A 143 6.15 14.90 -4.38
C GLY A 143 4.89 14.71 -3.60
N LEU A 144 3.77 14.32 -4.13
CA LEU A 144 2.56 14.08 -3.37
C LEU A 144 2.48 12.62 -3.48
N VAL A 145 2.78 12.07 -2.33
CA VAL A 145 2.73 10.64 -2.07
C VAL A 145 2.69 10.40 -0.55
N TYR A 146 2.62 9.22 0.03
CA TYR A 146 2.39 9.09 1.44
C TYR A 146 3.51 9.64 2.24
N GLY A 147 4.74 9.19 2.12
CA GLY A 147 5.88 9.72 2.87
C GLY A 147 5.77 11.24 3.05
N SER A 148 5.48 12.00 2.00
CA SER A 148 5.19 13.43 2.08
C SER A 148 3.88 13.74 2.80
N GLN A 149 2.71 13.19 2.53
CA GLN A 149 1.45 13.59 3.17
C GLN A 149 1.38 13.09 4.62
N TRP A 150 2.27 12.13 4.96
CA TRP A 150 2.31 11.55 6.29
C TRP A 150 3.09 12.58 7.13
N ARG A 151 4.40 12.65 6.72
CA ARG A 151 5.52 13.48 7.25
C ARG A 151 5.76 14.94 6.78
N ALA A 152 4.80 15.62 6.13
CA ALA A 152 4.92 17.01 5.77
C ALA A 152 3.73 17.69 5.15
N TRP A 153 2.57 17.62 5.82
CA TRP A 153 1.43 18.42 5.38
C TRP A 153 1.86 19.85 5.19
N HIS A 154 1.68 20.18 3.96
CA HIS A 154 2.17 21.41 3.49
C HIS A 154 1.14 22.50 3.60
N THR A 155 1.50 23.45 4.41
CA THR A 155 0.60 24.48 4.73
C THR A 155 0.67 25.73 3.86
N SER A 156 -0.33 26.65 4.08
CA SER A 156 -0.47 28.01 3.49
C SER A 156 0.21 28.80 4.61
N LYS A 157 1.39 29.33 4.24
CA LYS A 157 2.44 29.96 5.04
C LYS A 157 3.18 28.61 5.05
N GLY A 158 3.66 28.30 3.82
CA GLY A 158 4.36 27.05 3.33
C GLY A 158 5.08 26.02 4.27
N ASP A 159 4.72 25.85 5.56
CA ASP A 159 5.30 24.92 6.56
C ASP A 159 4.89 23.55 6.12
N THR A 160 5.51 22.72 6.84
CA THR A 160 5.41 21.32 6.62
C THR A 160 4.91 20.88 8.01
N ILE A 161 3.75 20.28 8.23
CA ILE A 161 3.40 19.67 9.48
C ILE A 161 3.32 18.12 9.33
N ASP A 162 4.07 17.33 10.12
CA ASP A 162 4.13 15.88 10.09
C ASP A 162 3.08 15.35 10.99
N GLN A 163 2.02 14.89 10.31
CA GLN A 163 0.86 14.30 11.03
C GLN A 163 1.15 13.08 11.91
N LEU A 164 2.21 12.40 11.55
CA LEU A 164 2.46 11.14 12.17
C LEU A 164 3.18 11.35 13.43
N GLY A 165 4.25 12.09 13.38
CA GLY A 165 4.93 12.43 14.63
C GLY A 165 4.00 13.11 15.65
N ASP A 166 3.25 14.18 15.32
CA ASP A 166 2.33 14.75 16.28
C ASP A 166 1.32 13.73 16.84
N VAL A 167 0.46 13.02 16.02
CA VAL A 167 -0.48 12.01 16.51
C VAL A 167 0.28 11.01 17.36
N ILE A 168 1.55 10.56 17.22
CA ILE A 168 2.06 9.61 18.23
C ILE A 168 2.71 10.29 19.45
N GLU A 169 2.77 11.64 19.52
CA GLU A 169 3.14 12.31 20.79
C GLU A 169 1.79 12.44 21.39
N GLN A 170 0.71 12.49 20.62
CA GLN A 170 -0.60 12.52 21.21
C GLN A 170 -0.94 11.15 21.78
N ILE A 171 -0.56 10.02 21.22
CA ILE A 171 -0.85 8.72 21.85
C ILE A 171 0.07 8.59 23.08
N LYS A 172 1.15 9.36 23.20
CA LYS A 172 2.12 9.22 24.34
C LYS A 172 1.73 10.20 25.43
N THR A 173 1.28 11.42 25.14
CA THR A 173 0.72 12.36 26.10
C THR A 173 -0.76 12.01 26.47
N HIS A 174 -1.51 11.48 25.55
CA HIS A 174 -2.94 11.41 25.82
C HIS A 174 -3.82 10.26 25.40
N PRO A 175 -3.43 8.97 25.51
CA PRO A 175 -4.22 7.79 25.15
C PRO A 175 -5.64 7.86 24.58
N TYR A 176 -6.54 8.61 25.20
CA TYR A 176 -7.92 8.61 24.80
C TYR A 176 -8.43 9.66 23.85
N SER A 177 -7.67 10.33 22.94
CA SER A 177 -8.26 11.30 22.01
C SER A 177 -9.03 10.59 20.91
N ARG A 178 -10.17 11.05 20.50
CA ARG A 178 -11.01 10.61 19.39
C ARG A 178 -10.64 11.42 18.14
N ARG A 179 -9.45 11.97 18.20
CA ARG A 179 -9.01 12.92 17.22
C ARG A 179 -7.61 12.41 16.79
N LEU A 180 -7.17 11.17 17.01
CA LEU A 180 -5.90 10.66 16.48
C LEU A 180 -6.24 10.13 15.09
N ILE A 181 -6.28 10.98 14.08
CA ILE A 181 -6.67 10.71 12.72
C ILE A 181 -5.63 11.49 11.96
N VAL A 182 -5.07 10.92 10.93
CA VAL A 182 -4.06 11.40 10.06
C VAL A 182 -4.87 11.28 8.81
N SER A 183 -4.70 12.18 7.90
CA SER A 183 -5.46 12.19 6.73
C SER A 183 -4.61 12.49 5.56
N ALA A 184 -4.67 11.62 4.60
CA ALA A 184 -3.88 11.83 3.44
C ALA A 184 -4.65 12.67 2.43
N TRP A 185 -5.95 12.90 2.63
CA TRP A 185 -6.67 13.76 1.67
C TRP A 185 -6.52 15.29 1.72
N ASN A 186 -5.84 15.86 0.76
CA ASN A 186 -5.75 17.27 0.54
C ASN A 186 -6.67 17.57 -0.65
N PRO A 187 -7.91 18.05 -0.49
CA PRO A 187 -8.77 18.57 -1.55
C PRO A 187 -8.13 19.64 -2.46
N GLU A 188 -7.17 20.53 -2.04
CA GLU A 188 -6.59 21.57 -2.94
C GLU A 188 -6.05 21.01 -4.25
N ASP A 189 -5.07 20.10 -4.05
CA ASP A 189 -4.36 19.50 -5.14
C ASP A 189 -4.87 18.10 -5.30
N VAL A 190 -5.95 17.60 -4.68
CA VAL A 190 -6.54 16.36 -5.22
C VAL A 190 -6.82 16.56 -6.73
N PRO A 191 -7.56 17.46 -7.39
CA PRO A 191 -7.75 17.40 -8.83
C PRO A 191 -6.53 17.78 -9.76
N THR A 192 -5.42 18.18 -9.17
CA THR A 192 -4.17 18.32 -9.92
C THR A 192 -3.44 16.96 -9.83
N MET A 193 -3.99 15.88 -9.26
CA MET A 193 -3.33 14.64 -9.14
C MET A 193 -3.85 13.59 -10.05
N ALA A 194 -2.81 12.80 -10.20
CA ALA A 194 -2.75 11.63 -11.02
C ALA A 194 -3.52 10.41 -10.45
N LEU A 195 -3.16 10.07 -9.20
CA LEU A 195 -3.88 9.09 -8.35
C LEU A 195 -4.00 9.79 -6.98
N PRO A 196 -5.14 10.46 -6.73
CA PRO A 196 -5.64 10.74 -5.40
C PRO A 196 -5.45 9.71 -4.26
N PRO A 197 -5.06 10.04 -3.01
CA PRO A 197 -4.94 9.10 -1.89
C PRO A 197 -5.84 7.84 -1.84
N CYS A 198 -5.49 6.64 -2.23
CA CYS A 198 -6.39 5.50 -2.07
C CYS A 198 -6.71 5.27 -0.61
N HIS A 199 -5.72 5.32 0.25
CA HIS A 199 -5.94 5.11 1.66
C HIS A 199 -6.12 6.54 2.12
N THR A 200 -7.39 6.88 2.42
CA THR A 200 -7.78 8.26 2.59
C THR A 200 -7.38 8.88 3.88
N LEU A 201 -7.46 8.04 4.90
CA LEU A 201 -7.08 8.36 6.26
C LEU A 201 -7.16 7.11 7.16
N TYR A 202 -6.67 7.28 8.42
CA TYR A 202 -6.67 6.24 9.42
C TYR A 202 -6.75 6.92 10.83
N GLN A 203 -7.69 6.43 11.64
CA GLN A 203 -7.96 6.84 13.01
C GLN A 203 -7.19 5.87 13.91
N PHE A 204 -6.60 6.17 15.07
CA PHE A 204 -6.03 5.09 15.86
C PHE A 204 -6.86 4.88 17.18
N TYR A 205 -6.45 4.06 18.18
CA TYR A 205 -7.22 3.92 19.45
C TYR A 205 -6.66 3.11 20.63
N VAL A 206 -6.80 3.67 21.75
CA VAL A 206 -6.31 3.08 22.94
C VAL A 206 -7.50 2.76 23.87
N ASN A 207 -7.78 1.50 23.85
CA ASN A 207 -8.74 0.84 24.78
C ASN A 207 -7.80 0.04 25.66
N ASP A 208 -8.23 -0.56 26.72
CA ASP A 208 -7.44 -1.38 27.63
C ASP A 208 -5.92 -1.67 27.69
N GLY A 209 -5.08 -0.61 27.69
CA GLY A 209 -3.67 -0.74 27.54
C GLY A 209 -3.31 -1.07 26.09
N LYS A 210 -4.21 -1.18 25.13
CA LYS A 210 -3.87 -1.76 23.87
C LYS A 210 -4.42 -0.87 22.79
N LEU A 211 -3.70 -0.96 21.66
CA LEU A 211 -4.07 -0.16 20.48
C LEU A 211 -4.68 -0.80 19.20
N SER A 212 -5.64 -0.10 18.57
CA SER A 212 -6.23 -0.46 17.27
C SER A 212 -5.90 0.56 16.19
N LEU A 213 -6.10 0.35 14.89
CA LEU A 213 -6.01 1.39 13.89
C LEU A 213 -7.06 1.12 12.78
N GLN A 214 -7.92 2.11 12.46
CA GLN A 214 -9.05 2.02 11.47
C GLN A 214 -8.82 2.64 10.06
N LEU A 215 -9.12 2.01 8.95
CA LEU A 215 -8.74 2.61 7.66
C LEU A 215 -9.80 3.00 6.64
N TYR A 216 -10.08 4.23 6.25
CA TYR A 216 -11.06 4.38 5.23
C TYR A 216 -10.26 4.31 3.92
N GLN A 217 -10.66 3.31 3.11
CA GLN A 217 -10.01 3.03 1.86
C GLN A 217 -11.17 3.36 0.98
N ARG A 218 -10.85 4.35 0.13
CA ARG A 218 -11.79 4.86 -0.80
C ARG A 218 -12.07 4.04 -2.04
N SER A 219 -11.16 3.25 -2.52
CA SER A 219 -11.38 2.32 -3.67
C SER A 219 -10.45 1.12 -3.38
N ALA A 220 -10.78 -0.13 -3.73
CA ALA A 220 -9.92 -1.32 -3.49
C ALA A 220 -10.29 -2.42 -4.43
N ASP A 221 -9.15 -2.85 -4.91
CA ASP A 221 -8.87 -3.87 -5.91
C ASP A 221 -8.75 -5.16 -5.08
N ILE A 222 -9.81 -5.95 -5.09
CA ILE A 222 -10.05 -7.00 -4.17
C ILE A 222 -9.02 -8.09 -4.26
N PHE A 223 -8.74 -8.54 -5.50
CA PHE A 223 -7.82 -9.63 -5.66
C PHE A 223 -6.37 -9.16 -5.67
N LEU A 224 -6.08 -8.49 -6.80
CA LEU A 224 -4.74 -7.99 -7.24
C LEU A 224 -4.24 -6.77 -6.40
N GLY A 225 -4.45 -6.72 -5.07
CA GLY A 225 -4.23 -5.51 -4.31
C GLY A 225 -4.49 -5.63 -2.86
N VAL A 226 -5.74 -5.68 -2.41
CA VAL A 226 -6.07 -5.89 -1.00
C VAL A 226 -5.26 -6.79 -0.07
N PRO A 227 -4.82 -8.09 -0.35
CA PRO A 227 -3.89 -8.89 0.42
C PRO A 227 -2.68 -8.23 0.94
N PHE A 228 -2.25 -7.29 0.11
CA PHE A 228 -1.07 -6.45 0.33
C PHE A 228 -1.44 -5.40 1.43
N ASN A 229 -2.57 -4.68 1.28
CA ASN A 229 -2.98 -3.59 2.16
C ASN A 229 -3.27 -3.89 3.61
N ILE A 230 -3.74 -5.14 3.76
CA ILE A 230 -4.10 -5.80 5.00
C ILE A 230 -2.87 -5.90 5.85
N ALA A 231 -1.76 -6.17 5.22
CA ALA A 231 -0.47 -6.29 5.84
C ALA A 231 0.17 -4.92 6.00
N SER A 232 0.20 -4.06 5.01
CA SER A 232 0.83 -2.77 5.13
C SER A 232 0.32 -2.05 6.35
N TYR A 233 -0.99 -2.00 6.61
CA TYR A 233 -1.48 -1.28 7.81
C TYR A 233 -1.60 -2.11 9.09
N ALA A 234 -1.64 -3.40 8.94
CA ALA A 234 -1.59 -4.25 10.09
C ALA A 234 -0.15 -4.36 10.48
N LEU A 235 0.84 -3.88 9.74
CA LEU A 235 2.21 -3.97 10.23
C LEU A 235 2.37 -2.58 10.90
N LEU A 236 1.74 -1.53 10.36
CA LEU A 236 1.88 -0.16 10.84
C LEU A 236 1.44 -0.02 12.31
N THR A 237 0.26 -0.63 12.52
CA THR A 237 -0.42 -0.74 13.80
C THR A 237 0.54 -1.40 14.82
N HIS A 238 1.17 -2.46 14.36
CA HIS A 238 2.21 -3.15 15.14
C HIS A 238 3.41 -2.22 15.48
N LEU A 239 3.99 -1.36 14.59
CA LEU A 239 5.16 -0.53 14.85
C LEU A 239 4.83 0.73 15.62
N VAL A 240 3.69 1.40 15.44
CA VAL A 240 3.47 2.46 16.38
C VAL A 240 3.09 1.87 17.75
N ALA A 241 2.52 0.67 18.03
CA ALA A 241 2.53 0.24 19.42
C ALA A 241 3.97 0.08 19.80
N HIS A 242 4.91 -0.23 18.93
CA HIS A 242 6.26 -0.49 19.40
C HIS A 242 6.84 0.88 19.92
N GLU A 243 6.55 2.03 19.24
CA GLU A 243 7.04 3.28 19.77
C GLU A 243 6.19 3.67 20.99
N CYS A 244 4.85 3.70 21.14
CA CYS A 244 4.11 4.10 22.37
C CYS A 244 4.12 3.26 23.65
N GLY A 245 4.65 2.05 23.37
CA GLY A 245 4.87 1.04 24.39
C GLY A 245 3.57 0.53 24.94
N LEU A 246 2.74 0.08 24.01
CA LEU A 246 1.44 -0.36 24.43
C LEU A 246 1.37 -1.74 23.87
N GLU A 247 0.20 -2.28 23.87
CA GLU A 247 -0.02 -3.55 23.19
C GLU A 247 -0.68 -3.38 21.81
N VAL A 248 -0.71 -4.49 21.12
CA VAL A 248 -1.41 -4.59 19.87
C VAL A 248 -2.85 -4.99 20.10
N GLY A 249 -3.80 -4.58 19.22
CA GLY A 249 -5.21 -4.96 19.34
C GLY A 249 -5.91 -5.34 18.05
N GLU A 250 -6.61 -4.44 17.34
CA GLU A 250 -7.45 -4.71 16.16
C GLU A 250 -7.11 -3.91 14.92
N PHE A 251 -7.09 -4.40 13.69
CA PHE A 251 -6.95 -3.51 12.53
C PHE A 251 -8.31 -3.58 11.93
N ILE A 252 -9.01 -2.43 11.93
CA ILE A 252 -10.30 -2.39 11.23
C ILE A 252 -10.02 -1.89 9.84
N HIS A 253 -10.42 -2.67 8.85
CA HIS A 253 -10.29 -2.18 7.50
C HIS A 253 -11.80 -1.94 7.28
N THR A 254 -12.12 -0.73 6.81
CA THR A 254 -13.48 -0.29 6.44
C THR A 254 -13.19 0.15 4.99
N PHE A 255 -14.21 0.02 4.12
CA PHE A 255 -14.20 0.29 2.68
C PHE A 255 -15.34 1.21 2.31
N GLY A 256 -15.15 1.95 1.22
CA GLY A 256 -16.09 2.77 0.43
C GLY A 256 -16.30 1.84 -0.81
N ASP A 257 -15.89 2.06 -2.06
CA ASP A 257 -16.06 1.05 -3.12
C ASP A 257 -15.03 -0.06 -3.12
N ALA A 258 -15.43 -1.32 -3.08
CA ALA A 258 -14.49 -2.44 -3.20
C ALA A 258 -15.04 -3.18 -4.42
N HIS A 259 -14.11 -3.45 -5.31
CA HIS A 259 -14.35 -4.13 -6.57
C HIS A 259 -13.39 -5.28 -6.83
N LEU A 260 -13.84 -6.03 -7.86
CA LEU A 260 -13.15 -7.22 -8.33
C LEU A 260 -13.17 -7.08 -9.84
N TYR A 261 -12.00 -6.76 -10.38
CA TYR A 261 -11.86 -6.54 -11.81
C TYR A 261 -12.29 -7.78 -12.52
N VAL A 262 -13.04 -7.66 -13.61
CA VAL A 262 -13.72 -8.85 -14.10
C VAL A 262 -12.72 -9.75 -14.81
N ASN A 263 -11.61 -9.26 -15.42
CA ASN A 263 -10.56 -10.12 -16.05
C ASN A 263 -10.04 -11.16 -15.05
N HIS A 264 -10.11 -10.98 -13.71
CA HIS A 264 -9.56 -11.90 -12.67
C HIS A 264 -10.50 -12.99 -12.15
N LEU A 265 -11.78 -13.06 -12.62
CA LEU A 265 -12.80 -13.89 -11.96
C LEU A 265 -12.47 -15.35 -11.77
N ASP A 266 -11.88 -16.04 -12.74
CA ASP A 266 -11.43 -17.40 -12.56
C ASP A 266 -10.51 -17.54 -11.41
N GLN A 267 -9.54 -16.67 -11.34
CA GLN A 267 -8.48 -16.76 -10.31
C GLN A 267 -8.81 -16.57 -8.83
N ILE A 268 -9.78 -15.69 -8.53
CA ILE A 268 -10.20 -15.54 -7.17
C ILE A 268 -10.97 -16.81 -6.77
N LYS A 269 -11.67 -17.43 -7.73
CA LYS A 269 -12.45 -18.65 -7.44
C LYS A 269 -11.59 -19.72 -6.80
N GLU A 270 -10.47 -20.02 -7.47
CA GLU A 270 -9.47 -21.01 -7.04
C GLU A 270 -8.97 -20.85 -5.58
N GLN A 271 -8.33 -19.77 -5.16
CA GLN A 271 -7.89 -19.71 -3.79
C GLN A 271 -9.02 -19.72 -2.81
N LEU A 272 -10.25 -19.48 -3.22
CA LEU A 272 -11.43 -19.72 -2.39
C LEU A 272 -11.80 -21.20 -2.26
N SER A 273 -11.08 -22.07 -2.94
CA SER A 273 -11.21 -23.48 -2.67
C SER A 273 -10.01 -23.92 -1.78
N ARG A 274 -9.12 -22.99 -1.40
CA ARG A 274 -7.93 -23.27 -0.60
C ARG A 274 -8.35 -23.19 0.85
N THR A 275 -7.59 -23.92 1.64
CA THR A 275 -8.00 -24.06 3.00
C THR A 275 -6.98 -23.33 3.77
N PRO A 276 -7.27 -22.46 4.70
CA PRO A 276 -6.27 -21.65 5.35
C PRO A 276 -5.16 -22.38 6.06
N ARG A 277 -3.97 -21.81 6.16
CA ARG A 277 -2.96 -22.38 7.07
C ARG A 277 -2.97 -21.48 8.32
N PRO A 278 -2.18 -21.61 9.41
CA PRO A 278 -1.98 -20.54 10.43
C PRO A 278 -1.12 -19.41 9.81
N ALA A 279 -1.15 -18.35 10.56
CA ALA A 279 -0.64 -17.12 10.02
C ALA A 279 0.57 -16.73 10.84
N PRO A 280 1.57 -16.05 10.25
CA PRO A 280 2.87 -15.83 10.85
C PRO A 280 2.77 -14.89 11.97
N THR A 281 3.79 -14.85 12.77
CA THR A 281 3.86 -13.82 13.78
C THR A 281 4.98 -12.80 13.50
N LEU A 282 4.66 -11.53 13.48
CA LEU A 282 5.55 -10.50 13.06
C LEU A 282 6.07 -10.11 14.40
N GLN A 283 7.42 -9.93 14.52
CA GLN A 283 8.15 -9.46 15.70
C GLN A 283 9.28 -8.49 15.33
N LEU A 284 9.28 -7.35 15.98
CA LEU A 284 10.10 -6.19 15.60
C LEU A 284 11.34 -6.09 16.50
N ASN A 285 12.45 -5.49 16.03
CA ASN A 285 13.62 -5.30 16.84
C ASN A 285 13.38 -4.53 18.15
N PRO A 286 13.55 -5.20 19.31
CA PRO A 286 12.94 -4.75 20.52
C PRO A 286 13.60 -3.48 21.09
N ASP A 287 14.90 -3.67 21.26
CA ASP A 287 15.82 -2.77 21.81
C ASP A 287 15.77 -1.50 21.00
N LYS A 288 15.64 -1.48 19.68
CA LYS A 288 15.54 -0.21 18.96
C LYS A 288 14.10 0.21 19.02
N HIS A 289 13.92 1.52 19.07
CA HIS A 289 12.53 1.95 19.16
C HIS A 289 11.96 2.90 18.16
N ASP A 290 12.71 3.68 17.37
CA ASP A 290 12.00 4.52 16.38
C ASP A 290 11.87 3.80 15.02
N ILE A 291 10.60 3.60 14.87
CA ILE A 291 9.99 2.97 13.70
C ILE A 291 10.33 3.77 12.42
N PHE A 292 10.42 5.09 12.65
CA PHE A 292 10.75 6.10 11.66
C PHE A 292 12.21 5.88 11.13
N ASP A 293 12.94 5.20 11.96
CA ASP A 293 14.37 5.10 11.81
C ASP A 293 14.69 3.62 11.83
N PHE A 294 13.76 2.89 11.24
CA PHE A 294 13.95 1.44 11.17
C PHE A 294 14.55 1.00 9.83
N ASP A 295 15.45 0.02 9.85
CA ASP A 295 15.73 -0.57 8.61
C ASP A 295 15.04 -1.91 8.69
N MET A 296 15.10 -2.46 7.52
CA MET A 296 14.77 -3.79 7.15
C MET A 296 15.03 -4.86 8.20
N LYS A 297 16.22 -4.91 8.77
CA LYS A 297 16.52 -5.97 9.68
C LYS A 297 15.81 -5.94 11.00
N ASP A 298 14.99 -4.92 11.11
CA ASP A 298 14.20 -4.63 12.29
C ASP A 298 12.76 -5.21 12.32
N ILE A 299 12.37 -5.99 11.32
CA ILE A 299 11.13 -6.79 11.33
C ILE A 299 11.40 -8.17 10.73
N LYS A 300 11.20 -9.21 11.48
CA LYS A 300 11.35 -10.52 10.91
C LYS A 300 9.97 -11.14 10.94
N LEU A 301 9.61 -11.83 9.86
CA LEU A 301 8.37 -12.56 9.81
C LEU A 301 8.85 -13.98 10.02
N LEU A 302 8.09 -14.75 10.80
CA LEU A 302 8.42 -16.11 11.02
C LEU A 302 7.17 -16.91 10.85
N ASN A 303 7.49 -18.15 10.52
CA ASN A 303 6.61 -19.23 10.11
C ASN A 303 5.35 -18.79 9.34
N TYR A 304 5.67 -18.41 8.10
CA TYR A 304 4.77 -17.98 7.08
C TYR A 304 4.74 -19.16 6.12
N ASP A 305 3.61 -19.77 5.68
CA ASP A 305 3.60 -21.00 4.88
C ASP A 305 2.47 -20.92 3.89
N PRO A 306 2.68 -20.06 2.89
CA PRO A 306 1.74 -19.83 1.81
C PRO A 306 1.37 -20.97 0.86
N TYR A 307 0.27 -20.75 0.21
CA TYR A 307 -0.04 -21.65 -0.86
C TYR A 307 0.76 -21.00 -2.01
N PRO A 308 0.87 -21.62 -3.18
CA PRO A 308 1.62 -21.02 -4.30
C PRO A 308 1.08 -19.64 -4.73
N ALA A 309 1.92 -18.85 -5.42
CA ALA A 309 1.50 -17.52 -5.91
C ALA A 309 0.63 -17.51 -7.19
N ILE A 310 -0.67 -17.20 -7.08
CA ILE A 310 -1.63 -17.08 -8.20
C ILE A 310 -1.24 -15.94 -9.09
N LYS A 311 -1.08 -16.13 -10.42
CA LYS A 311 -0.70 -15.09 -11.39
C LYS A 311 -1.76 -14.04 -11.85
N ALA A 312 -1.13 -12.87 -11.99
CA ALA A 312 -1.81 -11.68 -12.48
C ALA A 312 -2.21 -11.81 -13.93
N PRO A 313 -3.42 -11.52 -14.45
CA PRO A 313 -3.70 -10.38 -15.37
C PRO A 313 -3.71 -9.17 -14.51
N VAL A 314 -2.92 -8.20 -14.84
CA VAL A 314 -2.84 -7.08 -13.94
C VAL A 314 -4.13 -6.33 -14.15
N ALA A 315 -4.39 -6.03 -12.84
CA ALA A 315 -5.53 -5.51 -12.12
C ALA A 315 -6.66 -5.01 -12.98
N1 UFP B . -5.67 0.24 -6.15
C2 UFP B . -6.24 -0.50 -5.10
N3 UFP B . -5.39 -1.43 -4.47
C4 UFP B . -4.07 -1.65 -4.83
C5 UFP B . -3.57 -0.81 -5.93
C6 UFP B . -4.38 0.10 -6.53
O2 UFP B . -7.42 -0.31 -4.69
O4 UFP B . -3.44 -2.50 -4.19
F5 UFP B . -2.38 -1.00 -6.40
C1' UFP B . -6.58 0.90 -7.14
C2' UFP B . -8.11 0.83 -7.12
C3' UFP B . -8.62 1.14 -8.53
C4' UFP B . -7.35 1.91 -9.12
O3' UFP B . -8.81 -0.09 -9.24
O4' UFP B . -6.14 1.35 -8.44
C5' UFP B . -7.35 3.43 -8.82
O5' UFP B . -8.51 4.09 -9.40
P UFP B . -9.34 5.12 -8.73
O1P UFP B . -10.19 5.67 -9.70
O2P UFP B . -10.00 4.35 -7.76
O3P UFP B . -8.30 5.94 -8.17
#